data_8COH
#
_entry.id   8COH
#
_cell.length_a   81.489
_cell.length_b   81.489
_cell.length_c   36.601
_cell.angle_alpha   90.000
_cell.angle_beta   90.000
_cell.angle_gamma   90.000
#
_symmetry.space_group_name_H-M   'P 41 21 2'
#
loop_
_entity.id
_entity.type
_entity.pdbx_description
1 polymer 'Nanobody TPP-3444'
2 non-polymer 'CITRIC ACID'
3 non-polymer 'MANGANESE (II) ION'
4 water water
#
_entity_poly.entity_id   1
_entity_poly.type   'polypeptide(L)'
_entity_poly.pdbx_seq_one_letter_code
;EVQLVESGGGLVQPGGSLRLSCAASGRAHSDYAMAWFRQAPGQEREFVAGIGWSGGDTLYADSVRGRFTNSRDNSKNTLY
LQMNSLRAEDTAVYYCAARQGQYIYSSMRSDSYDYWGQGTLVTVSSHHHHHH
;
_entity_poly.pdbx_strand_id   A
#
# COMPACT_ATOMS: atom_id res chain seq x y z
N GLU A 1 -12.63 -0.70 16.08
CA GLU A 1 -11.55 0.22 15.67
C GLU A 1 -10.28 -0.57 15.28
N VAL A 2 -9.70 -0.15 14.17
CA VAL A 2 -8.47 -0.73 13.65
C VAL A 2 -7.49 0.42 13.43
N GLN A 3 -6.32 0.34 14.05
CA GLN A 3 -5.23 1.23 13.74
C GLN A 3 -4.29 0.56 12.75
N LEU A 4 -3.65 1.40 11.91
CA LEU A 4 -2.85 0.94 10.79
C LEU A 4 -1.59 1.77 10.76
N VAL A 5 -0.44 1.11 10.58
CA VAL A 5 0.86 1.78 10.56
C VAL A 5 1.65 1.32 9.35
N GLU A 6 1.87 2.24 8.41
CA GLU A 6 2.68 1.99 7.24
C GLU A 6 4.14 2.32 7.50
N SER A 7 5.01 1.59 6.81
CA SER A 7 6.45 1.86 6.83
C SER A 7 7.04 1.45 5.49
N GLY A 8 8.28 1.91 5.26
CA GLY A 8 9.04 1.50 4.11
C GLY A 8 9.21 2.55 3.03
N GLY A 9 8.43 3.63 3.09
CA GLY A 9 8.60 4.69 2.11
C GLY A 9 9.97 5.32 2.18
N GLY A 10 10.45 5.74 1.02
CA GLY A 10 11.77 6.37 0.94
C GLY A 10 12.00 6.90 -0.46
N LEU A 11 13.19 7.44 -0.62
CA LEU A 11 13.69 7.94 -1.88
C LEU A 11 14.23 6.79 -2.71
N VAL A 12 13.82 6.71 -3.96
N VAL A 12 13.84 6.74 -3.99
CA VAL A 12 14.14 5.59 -4.84
CA VAL A 12 14.11 5.61 -4.86
C VAL A 12 14.43 6.12 -6.23
C VAL A 12 14.45 6.15 -6.24
N GLN A 13 15.42 5.54 -6.88
CA GLN A 13 15.79 5.96 -8.22
C GLN A 13 14.68 5.54 -9.19
N PRO A 14 14.46 6.32 -10.26
CA PRO A 14 13.61 5.81 -11.35
C PRO A 14 14.11 4.47 -11.84
N GLY A 15 13.17 3.54 -12.02
CA GLY A 15 13.49 2.17 -12.32
C GLY A 15 13.64 1.26 -11.12
N GLY A 16 13.67 1.83 -9.92
CA GLY A 16 13.98 1.08 -8.73
C GLY A 16 12.78 0.39 -8.12
N SER A 17 13.03 -0.18 -6.94
CA SER A 17 12.06 -1.00 -6.22
C SER A 17 12.05 -0.63 -4.74
N LEU A 18 10.90 -0.88 -4.11
N LEU A 18 10.87 -0.81 -4.13
CA LEU A 18 10.71 -0.61 -2.69
CA LEU A 18 10.68 -0.66 -2.70
C LEU A 18 9.58 -1.49 -2.18
C LEU A 18 9.70 -1.71 -2.22
N ARG A 19 9.65 -1.89 -0.90
CA ARG A 19 8.65 -2.74 -0.27
C ARG A 19 8.06 -1.97 0.89
N LEU A 20 6.75 -1.76 0.84
CA LEU A 20 6.00 -1.14 1.92
C LEU A 20 5.37 -2.21 2.79
N SER A 21 5.21 -1.88 4.06
N SER A 21 5.24 -1.90 4.08
CA SER A 21 4.56 -2.74 5.03
CA SER A 21 4.58 -2.79 5.03
C SER A 21 3.46 -1.95 5.70
C SER A 21 3.53 -2.00 5.80
N CYS A 22 2.40 -2.63 6.11
CA CYS A 22 1.33 -2.02 6.87
C CYS A 22 0.93 -2.98 7.97
N ALA A 23 1.11 -2.58 9.23
CA ALA A 23 0.73 -3.40 10.38
C ALA A 23 -0.65 -2.95 10.85
N ALA A 24 -1.53 -3.91 11.10
CA ALA A 24 -2.87 -3.63 11.60
C ALA A 24 -3.06 -4.15 13.02
N SER A 25 -3.79 -3.40 13.82
CA SER A 25 -4.09 -3.81 15.18
C SER A 25 -5.04 -4.99 15.20
N GLY A 26 -5.09 -5.65 16.35
CA GLY A 26 -6.00 -6.75 16.60
C GLY A 26 -5.28 -8.04 16.91
N ARG A 27 -6.06 -9.02 17.33
CA ARG A 27 -5.52 -10.36 17.56
C ARG A 27 -4.93 -10.90 16.26
N ALA A 28 -4.00 -11.85 16.40
CA ALA A 28 -3.42 -12.51 15.23
C ALA A 28 -4.54 -13.15 14.41
N HIS A 29 -4.37 -13.15 13.09
CA HIS A 29 -5.39 -13.66 12.17
C HIS A 29 -6.70 -12.88 12.24
N SER A 30 -6.61 -11.57 12.46
CA SER A 30 -7.81 -10.73 12.40
C SER A 30 -8.40 -10.70 10.99
N ASP A 31 -7.55 -10.80 9.97
CA ASP A 31 -7.92 -11.03 8.57
C ASP A 31 -8.91 -9.97 8.06
N TYR A 32 -8.43 -8.74 8.00
CA TYR A 32 -9.23 -7.66 7.49
C TYR A 32 -9.17 -7.66 5.96
N ALA A 33 -10.24 -7.19 5.34
CA ALA A 33 -10.16 -6.74 3.96
C ALA A 33 -9.35 -5.45 3.95
N MET A 34 -8.28 -5.39 3.15
CA MET A 34 -7.31 -4.28 3.20
C MET A 34 -6.95 -3.81 1.81
N ALA A 35 -6.38 -2.61 1.75
CA ALA A 35 -5.96 -2.05 0.48
C ALA A 35 -4.84 -1.04 0.69
N TRP A 36 -4.16 -0.77 -0.41
CA TRP A 36 -3.24 0.34 -0.55
C TRP A 36 -3.88 1.35 -1.48
N PHE A 37 -3.77 2.62 -1.10
CA PHE A 37 -4.14 3.78 -1.90
C PHE A 37 -2.91 4.70 -1.94
N ARG A 38 -2.92 5.67 -2.85
CA ARG A 38 -1.86 6.65 -2.89
C ARG A 38 -2.40 8.01 -3.26
N GLN A 39 -1.68 9.06 -2.85
CA GLN A 39 -2.04 10.43 -3.23
C GLN A 39 -0.77 11.22 -3.49
N ALA A 40 -0.65 11.70 -4.70
CA ALA A 40 0.43 12.56 -5.13
C ALA A 40 0.01 14.02 -4.93
N PRO A 41 0.97 14.94 -4.78
CA PRO A 41 0.59 16.35 -4.59
C PRO A 41 -0.25 16.89 -5.73
N GLY A 42 -1.32 17.59 -5.37
CA GLY A 42 -2.21 18.17 -6.36
C GLY A 42 -3.04 17.20 -7.15
N GLN A 43 -3.10 15.93 -6.75
CA GLN A 43 -3.88 14.91 -7.45
C GLN A 43 -4.80 14.20 -6.47
N GLU A 44 -5.83 13.58 -7.02
CA GLU A 44 -6.81 12.84 -6.22
C GLU A 44 -6.20 11.53 -5.74
N ARG A 45 -6.59 11.13 -4.53
N ARG A 45 -6.59 11.13 -4.53
CA ARG A 45 -6.25 9.83 -4.01
CA ARG A 45 -6.23 9.84 -3.99
C ARG A 45 -6.78 8.76 -4.94
C ARG A 45 -6.80 8.74 -4.87
N GLU A 46 -6.01 7.68 -5.09
CA GLU A 46 -6.40 6.60 -5.97
C GLU A 46 -6.03 5.23 -5.41
N PHE A 47 -6.85 4.24 -5.78
CA PHE A 47 -6.60 2.84 -5.44
C PHE A 47 -5.30 2.36 -6.07
N VAL A 48 -4.59 1.52 -5.34
CA VAL A 48 -3.37 0.85 -5.80
C VAL A 48 -3.54 -0.67 -5.86
N ALA A 49 -3.91 -1.27 -4.74
CA ALA A 49 -4.01 -2.73 -4.63
C ALA A 49 -4.89 -3.10 -3.44
N GLY A 50 -5.46 -4.29 -3.50
CA GLY A 50 -6.33 -4.72 -2.43
C GLY A 50 -6.41 -6.23 -2.34
N ILE A 51 -6.95 -6.69 -1.21
CA ILE A 51 -7.19 -8.09 -0.92
C ILE A 51 -8.46 -8.21 -0.07
N GLY A 52 -9.21 -9.29 -0.28
CA GLY A 52 -10.38 -9.55 0.53
C GLY A 52 -10.06 -10.18 1.87
N TRP A 53 -11.07 -10.21 2.74
CA TRP A 53 -10.85 -10.62 4.12
C TRP A 53 -10.32 -12.03 4.23
N SER A 54 -10.78 -12.93 3.37
CA SER A 54 -10.37 -14.33 3.42
C SER A 54 -9.18 -14.64 2.51
N GLY A 55 -8.49 -13.60 2.03
CA GLY A 55 -7.28 -13.80 1.26
C GLY A 55 -7.46 -13.94 -0.23
N GLY A 56 -8.67 -13.75 -0.75
CA GLY A 56 -8.96 -13.88 -2.16
C GLY A 56 -9.03 -12.53 -2.86
N ASP A 57 -9.17 -12.60 -4.18
CA ASP A 57 -9.43 -11.41 -5.02
C ASP A 57 -8.34 -10.36 -4.88
N THR A 58 -7.08 -10.78 -4.95
CA THR A 58 -6.00 -9.81 -5.03
C THR A 58 -6.18 -8.99 -6.30
N LEU A 59 -6.22 -7.66 -6.15
CA LEU A 59 -6.63 -6.76 -7.22
C LEU A 59 -5.67 -5.58 -7.29
N TYR A 60 -5.37 -5.13 -8.51
CA TYR A 60 -4.45 -4.02 -8.75
C TYR A 60 -5.11 -2.97 -9.62
N ALA A 61 -4.74 -1.72 -9.40
CA ALA A 61 -5.07 -0.66 -10.33
C ALA A 61 -4.34 -0.91 -11.64
N ASP A 62 -4.95 -0.45 -12.74
CA ASP A 62 -4.32 -0.55 -14.05
C ASP A 62 -2.96 0.15 -14.08
N SER A 63 -2.80 1.23 -13.32
CA SER A 63 -1.55 1.98 -13.31
C SER A 63 -0.36 1.16 -12.86
N VAL A 64 -0.58 0.12 -12.04
CA VAL A 64 0.50 -0.60 -11.36
C VAL A 64 0.50 -2.11 -11.59
N ARG A 65 -0.53 -2.63 -12.24
CA ARG A 65 -0.63 -4.07 -12.44
C ARG A 65 0.59 -4.58 -13.21
N GLY A 66 1.15 -5.69 -12.73
CA GLY A 66 2.34 -6.26 -13.29
C GLY A 66 3.64 -5.73 -12.72
N ARG A 67 3.61 -4.57 -12.07
CA ARG A 67 4.77 -3.95 -11.44
C ARG A 67 4.76 -4.12 -9.94
N PHE A 68 3.57 -4.13 -9.32
CA PHE A 68 3.43 -4.19 -7.88
C PHE A 68 2.80 -5.52 -7.49
N THR A 69 3.19 -6.04 -6.31
CA THR A 69 2.63 -7.28 -5.76
C THR A 69 2.21 -7.05 -4.32
N ASN A 70 0.94 -7.35 -4.04
CA ASN A 70 0.31 -7.21 -2.72
C ASN A 70 0.28 -8.58 -2.07
N SER A 71 0.64 -8.65 -0.79
CA SER A 71 0.55 -9.90 -0.04
C SER A 71 0.18 -9.57 1.39
N ARG A 72 -0.37 -10.56 2.09
CA ARG A 72 -0.78 -10.41 3.48
C ARG A 72 -0.22 -11.57 4.28
N ASP A 73 0.34 -11.26 5.45
CA ASP A 73 0.72 -12.25 6.46
C ASP A 73 -0.36 -12.20 7.52
N ASN A 74 -1.23 -13.23 7.52
CA ASN A 74 -2.38 -13.24 8.41
C ASN A 74 -1.96 -13.27 9.87
N SER A 75 -0.90 -14.02 10.19
CA SER A 75 -0.45 -14.15 11.57
C SER A 75 -0.03 -12.80 12.15
N LYS A 76 0.68 -12.00 11.35
CA LYS A 76 1.17 -10.70 11.76
C LYS A 76 0.15 -9.57 11.55
N ASN A 77 -1.00 -9.86 10.97
CA ASN A 77 -1.92 -8.86 10.42
C ASN A 77 -1.19 -7.78 9.64
N THR A 78 -0.27 -8.18 8.78
N THR A 78 -0.25 -8.20 8.77
CA THR A 78 0.55 -7.25 8.02
CA THR A 78 0.60 -7.26 8.03
C THR A 78 0.24 -7.44 6.54
C THR A 78 0.42 -7.44 6.53
N LEU A 79 0.26 -6.32 5.84
CA LEU A 79 0.07 -6.27 4.40
C LEU A 79 1.37 -5.71 3.85
N TYR A 80 1.80 -6.26 2.71
CA TYR A 80 3.03 -5.85 2.05
C TYR A 80 2.74 -5.44 0.62
N LEU A 81 3.48 -4.45 0.14
CA LEU A 81 3.41 -4.04 -1.26
C LEU A 81 4.83 -3.99 -1.81
N GLN A 82 5.15 -4.93 -2.67
CA GLN A 82 6.42 -4.91 -3.39
C GLN A 82 6.18 -4.06 -4.62
N MET A 83 6.99 -3.03 -4.82
CA MET A 83 6.83 -2.07 -5.89
C MET A 83 8.06 -2.15 -6.75
N ASN A 84 7.90 -2.49 -8.02
CA ASN A 84 9.00 -2.59 -8.96
C ASN A 84 8.83 -1.60 -10.12
N SER A 85 9.95 -1.35 -10.82
CA SER A 85 9.97 -0.53 -12.03
C SER A 85 9.33 0.83 -11.77
N LEU A 86 9.71 1.43 -10.63
CA LEU A 86 9.08 2.67 -10.22
C LEU A 86 9.42 3.80 -11.17
N ARG A 87 8.46 4.71 -11.34
CA ARG A 87 8.64 5.90 -12.15
C ARG A 87 8.14 7.10 -11.37
N ALA A 88 8.45 8.31 -11.90
CA ALA A 88 8.07 9.55 -11.23
C ALA A 88 6.58 9.64 -10.95
N GLU A 89 5.77 9.05 -11.83
CA GLU A 89 4.33 9.02 -11.68
C GLU A 89 3.88 8.27 -10.44
N ASP A 90 4.74 7.45 -9.84
CA ASP A 90 4.44 6.71 -8.63
C ASP A 90 4.77 7.45 -7.35
N THR A 91 5.42 8.62 -7.44
CA THR A 91 5.66 9.44 -6.26
C THR A 91 4.34 9.81 -5.61
N ALA A 92 4.24 9.57 -4.31
CA ALA A 92 2.99 9.80 -3.59
C ALA A 92 3.18 9.38 -2.14
N VAL A 93 2.27 9.84 -1.29
CA VAL A 93 2.03 9.21 0.00
C VAL A 93 1.19 7.97 -0.24
N TYR A 94 1.65 6.82 0.27
CA TYR A 94 0.93 5.56 0.16
C TYR A 94 0.25 5.28 1.49
N TYR A 95 -1.04 4.98 1.43
CA TYR A 95 -1.89 4.75 2.58
C TYR A 95 -2.36 3.31 2.62
N CYS A 96 -2.24 2.69 3.78
CA CYS A 96 -2.92 1.45 4.08
C CYS A 96 -4.34 1.75 4.54
N ALA A 97 -5.28 0.90 4.15
CA ALA A 97 -6.68 1.05 4.51
C ALA A 97 -7.28 -0.31 4.85
N ALA A 98 -8.30 -0.30 5.69
CA ALA A 98 -8.97 -1.53 6.10
C ALA A 98 -10.46 -1.30 6.24
N ARG A 99 -11.21 -2.37 6.05
CA ARG A 99 -12.66 -2.32 6.17
C ARG A 99 -13.06 -2.95 7.47
N GLN A 100 -14.13 -2.43 8.04
CA GLN A 100 -14.84 -3.11 9.11
C GLN A 100 -15.93 -3.94 8.46
N GLY A 101 -15.70 -5.25 8.46
CA GLY A 101 -16.65 -6.20 7.94
C GLY A 101 -15.95 -7.22 7.06
N GLN A 102 -16.58 -8.37 6.92
CA GLN A 102 -15.97 -9.55 6.31
C GLN A 102 -16.35 -9.59 4.84
N TYR A 103 -15.67 -8.75 4.06
CA TYR A 103 -15.91 -8.61 2.63
C TYR A 103 -14.93 -9.50 1.87
N ILE A 104 -15.49 -10.37 1.04
CA ILE A 104 -14.71 -11.38 0.32
C ILE A 104 -13.96 -10.74 -0.84
N TYR A 105 -14.56 -9.77 -1.50
CA TYR A 105 -13.99 -9.15 -2.68
C TYR A 105 -13.36 -7.80 -2.35
N SER A 106 -12.32 -7.46 -3.10
CA SER A 106 -11.62 -6.21 -2.91
C SER A 106 -12.37 -5.08 -3.57
N SER A 107 -12.61 -4.02 -2.82
CA SER A 107 -13.19 -2.81 -3.37
C SER A 107 -12.10 -1.83 -3.77
N MET A 108 -12.25 -1.24 -4.95
CA MET A 108 -11.35 -0.19 -5.40
C MET A 108 -11.79 1.20 -4.95
N ARG A 109 -12.89 1.33 -4.22
CA ARG A 109 -13.44 2.65 -3.92
C ARG A 109 -12.96 3.06 -2.52
N SER A 110 -12.39 4.26 -2.40
CA SER A 110 -11.99 4.75 -1.08
C SER A 110 -13.16 4.81 -0.09
N ASP A 111 -14.39 5.03 -0.57
CA ASP A 111 -15.54 5.09 0.33
C ASP A 111 -15.82 3.78 1.03
N SER A 112 -15.29 2.67 0.53
CA SER A 112 -15.51 1.38 1.16
C SER A 112 -14.68 1.16 2.42
N TYR A 113 -13.68 1.99 2.68
CA TYR A 113 -12.70 1.73 3.73
C TYR A 113 -12.93 2.63 4.92
N ASP A 114 -13.16 2.00 6.08
N ASP A 114 -13.07 2.01 6.09
CA ASP A 114 -13.38 2.71 7.34
CA ASP A 114 -13.40 2.72 7.32
C ASP A 114 -12.09 3.33 7.84
C ASP A 114 -12.18 3.20 8.07
N TYR A 115 -11.02 2.53 7.91
CA TYR A 115 -9.80 2.90 8.60
C TYR A 115 -8.67 3.17 7.61
N TRP A 116 -7.87 4.18 7.94
CA TRP A 116 -6.81 4.69 7.09
C TRP A 116 -5.60 4.96 7.95
N GLY A 117 -4.43 4.51 7.50
CA GLY A 117 -3.19 4.91 8.13
C GLY A 117 -2.83 6.35 7.81
N GLN A 118 -1.79 6.82 8.50
CA GLN A 118 -1.25 8.16 8.27
C GLN A 118 -0.46 8.26 6.97
N GLY A 119 0.06 7.16 6.47
CA GLY A 119 0.74 7.10 5.20
C GLY A 119 2.24 6.97 5.36
N THR A 120 2.87 6.58 4.25
CA THR A 120 4.33 6.54 4.13
C THR A 120 4.69 7.10 2.76
N LEU A 121 5.74 7.93 2.70
CA LEU A 121 6.06 8.68 1.50
C LEU A 121 7.03 7.92 0.62
N VAL A 122 6.69 7.80 -0.66
CA VAL A 122 7.55 7.23 -1.69
C VAL A 122 7.91 8.35 -2.65
N THR A 123 9.21 8.63 -2.78
CA THR A 123 9.72 9.67 -3.67
C THR A 123 10.56 8.99 -4.74
N VAL A 124 10.09 8.99 -5.98
CA VAL A 124 10.77 8.36 -7.10
C VAL A 124 11.43 9.49 -7.89
N SER A 125 12.73 9.66 -7.73
CA SER A 125 13.42 10.79 -8.32
C SER A 125 14.90 10.49 -8.37
N SER A 126 15.55 10.89 -9.46
N SER A 126 15.54 10.89 -9.47
CA SER A 126 16.99 10.72 -9.58
CA SER A 126 16.98 10.73 -9.59
C SER A 126 17.71 11.46 -8.46
C SER A 126 17.69 11.44 -8.44
N HIS A 127 18.74 10.83 -7.93
CA HIS A 127 19.48 11.40 -6.83
C HIS A 127 20.84 10.73 -6.80
N HIS A 128 21.73 11.29 -5.97
CA HIS A 128 23.07 10.75 -5.78
C HIS A 128 23.39 10.75 -4.30
N HIS A 129 23.87 9.60 -3.82
CA HIS A 129 24.35 9.48 -2.45
C HIS A 129 25.84 9.69 -2.44
N HIS A 130 26.31 10.61 -1.61
CA HIS A 130 27.75 10.82 -1.52
C HIS A 130 28.40 9.58 -0.91
N HIS A 131 29.62 9.27 -1.37
CA HIS A 131 30.27 8.04 -0.92
C HIS A 131 30.72 8.20 0.53
N HIS A 132 31.10 7.07 1.14
CA HIS A 132 31.61 7.03 2.52
C HIS A 132 33.04 6.50 2.61
#